data_2IHZ
#
_entry.id   2IHZ
#
_cell.length_a   60.482
_cell.length_b   64.532
_cell.length_c   64.410
_cell.angle_alpha   90.00
_cell.angle_beta   99.03
_cell.angle_gamma   90.00
#
_symmetry.space_group_name_H-M   'P 1 21 1'
#
loop_
_entity.id
_entity.type
_entity.pdbx_description
1 polymer Alpha-2,3/2,6-sialyltransferase/sialidase
2 branched beta-D-galactopyranose-(1-4)-alpha-D-glucopyranose
3 non-polymer "CYTIDINE-5'-MONOPHOSPHATE-3-FLUORO-N-ACETYL-NEURAMINIC ACID"
4 water water
#
_entity_poly.entity_id   1
_entity_poly.type   'polypeptide(L)'
_entity_poly.pdbx_seq_one_letter_code
;MKTITLYLDPASLPALNQLMDFTQNNEDKTHPRIFGLSRFKIPDNIITQYQNIHFVELKDNRPTEALFTILDQYPGNIEL
NIHLNIAHSVQLIRPILAYRFKHLDRVSIQQLNLYDDGSMEYVDLEKEENKDISAEIKQAEKQLSHYLLTGKIKFDNPTI
ARYVWQSAFPVKYHFLSTDYFEKAEFLQPLKEYLAENYQKMDWTAYQQLTPEQQAFYLTLVGFNDEVKQSLEVQQAKFIF
TGTTTWEGNTDVREYYAQQQLNLLNHFTQAEGDLFIGDHYKIYFKGHPRGGEINDYILNNAKNITNIPANISFEVLMMTG
LLPDKVGGVASSLYFSLPKEKISHIIFTSNKQVKSKEDALNNPYVKVMRRLGIIDESQVIFWDSLKQLGGGLEHHHHHH
;
_entity_poly.pdbx_strand_id   A
#
loop_
_chem_comp.id
_chem_comp.type
_chem_comp.name
_chem_comp.formula
CSF RNA linking 'CYTIDINE-5'-MONOPHOSPHATE-3-FLUORO-N-ACETYL-NEURAMINIC ACID' 'C20 H30 F N4 O16 P'
GAL D-saccharide, beta linking beta-D-galactopyranose 'C6 H12 O6'
GLC D-saccharide, alpha linking alpha-D-glucopyranose 'C6 H12 O6'
#
# COMPACT_ATOMS: atom_id res chain seq x y z
N MET A 1 22.84 -15.32 -19.64
CA MET A 1 22.11 -14.19 -19.01
C MET A 1 20.66 -14.57 -18.69
N LYS A 2 20.25 -14.30 -17.47
CA LYS A 2 18.93 -14.70 -16.97
C LYS A 2 18.36 -13.61 -16.08
N THR A 3 17.10 -13.24 -16.33
CA THR A 3 16.43 -12.27 -15.47
C THR A 3 15.69 -12.97 -14.32
N ILE A 4 15.87 -12.45 -13.11
CA ILE A 4 15.11 -12.89 -11.94
C ILE A 4 14.28 -11.71 -11.43
N THR A 5 12.98 -11.94 -11.26
CA THR A 5 12.07 -10.91 -10.79
C THR A 5 11.81 -11.07 -9.29
N LEU A 6 12.02 -9.99 -8.53
CA LEU A 6 11.72 -9.99 -7.10
C LEU A 6 10.53 -9.09 -6.79
N TYR A 7 9.59 -9.63 -6.02
CA TYR A 7 8.40 -8.90 -5.59
C TYR A 7 8.45 -8.71 -4.07
N LEU A 8 8.79 -7.51 -3.62
CA LEU A 8 9.02 -7.25 -2.20
C LEU A 8 8.11 -6.14 -1.67
N ASP A 9 7.45 -6.42 -0.55
CA ASP A 9 6.57 -5.46 0.11
C ASP A 9 6.13 -6.01 1.46
N PRO A 10 6.46 -5.29 2.56
CA PRO A 10 5.89 -5.66 3.86
C PRO A 10 4.43 -5.22 4.06
N ALA A 11 3.92 -4.38 3.16
CA ALA A 11 2.62 -3.74 3.36
C ALA A 11 1.52 -4.33 2.47
N SER A 12 0.62 -3.49 1.95
CA SER A 12 -0.52 -4.00 1.14
C SER A 12 -0.55 -3.50 -0.29
N LEU A 13 -0.43 -2.18 -0.45
CA LEU A 13 -0.69 -1.54 -1.73
C LEU A 13 0.35 -1.91 -2.80
N PRO A 14 1.67 -1.88 -2.46
CA PRO A 14 2.63 -2.34 -3.46
C PRO A 14 2.43 -3.81 -3.82
N ALA A 15 2.20 -4.67 -2.84
CA ALA A 15 1.93 -6.11 -3.11
C ALA A 15 0.73 -6.31 -4.03
N LEU A 16 -0.35 -5.56 -3.79
CA LEU A 16 -1.53 -5.56 -4.65
C LEU A 16 -1.17 -5.26 -6.11
N ASN A 17 -0.34 -4.23 -6.34
CA ASN A 17 0.14 -3.94 -7.69
C ASN A 17 1.08 -5.01 -8.25
N GLN A 18 1.95 -5.53 -7.40
CA GLN A 18 2.92 -6.52 -7.84
C GLN A 18 2.26 -7.85 -8.23
N LEU A 19 1.21 -8.23 -7.50
CA LEU A 19 0.44 -9.42 -7.84
C LEU A 19 -0.32 -9.27 -9.17
N MET A 20 -0.63 -8.03 -9.53
CA MET A 20 -1.16 -7.72 -10.85
C MET A 20 -0.09 -7.94 -11.91
N ASP A 21 1.13 -7.48 -11.65
CA ASP A 21 2.26 -7.69 -12.57
C ASP A 21 2.53 -9.19 -12.80
N PHE A 22 2.51 -9.97 -11.72
CA PHE A 22 2.65 -11.43 -11.80
C PHE A 22 1.51 -12.04 -12.62
N THR A 23 0.27 -11.61 -12.35
CA THR A 23 -0.88 -12.09 -13.13
C THR A 23 -0.71 -11.82 -14.64
N GLN A 24 -0.29 -10.60 -14.98
CA GLN A 24 -0.08 -10.22 -16.36
C GLN A 24 1.01 -11.08 -17.02
N ASN A 25 1.97 -11.50 -16.22
CA ASN A 25 3.10 -12.31 -16.68
C ASN A 25 2.95 -13.81 -16.35
N ASN A 26 1.72 -14.25 -16.08
CA ASN A 26 1.50 -15.60 -15.53
C ASN A 26 1.57 -16.77 -16.54
N GLU A 27 1.59 -16.46 -17.83
CA GLU A 27 1.75 -17.49 -18.84
C GLU A 27 3.15 -18.11 -18.80
N ASP A 28 4.15 -17.28 -18.52
CA ASP A 28 5.53 -17.74 -18.39
C ASP A 28 5.68 -18.54 -17.09
N LYS A 29 5.79 -19.86 -17.22
CA LYS A 29 5.80 -20.76 -16.07
C LYS A 29 7.19 -21.02 -15.46
N THR A 30 8.25 -20.56 -16.13
CA THR A 30 9.62 -20.93 -15.73
C THR A 30 10.49 -19.74 -15.29
N HIS A 31 10.00 -18.53 -15.56
CA HIS A 31 10.71 -17.30 -15.19
C HIS A 31 10.99 -17.30 -13.69
N PRO A 32 12.27 -17.15 -13.28
CA PRO A 32 12.58 -17.10 -11.84
C PRO A 32 11.90 -15.92 -11.13
N ARG A 33 11.17 -16.24 -10.05
CA ARG A 33 10.43 -15.26 -9.28
C ARG A 33 10.68 -15.48 -7.78
N ILE A 34 10.93 -14.37 -7.09
CA ILE A 34 11.09 -14.38 -5.64
C ILE A 34 10.02 -13.50 -5.01
N PHE A 35 9.12 -14.13 -4.26
CA PHE A 35 8.06 -13.41 -3.55
C PHE A 35 8.43 -13.12 -2.11
N GLY A 36 8.53 -11.84 -1.79
CA GLY A 36 8.68 -11.40 -0.39
C GLY A 36 7.52 -10.47 -0.01
N LEU A 37 6.30 -11.01 -0.06
CA LEU A 37 5.07 -10.30 0.28
C LEU A 37 4.50 -10.74 1.62
N SER A 38 4.71 -9.92 2.65
CA SER A 38 4.36 -10.26 4.03
C SER A 38 2.87 -10.50 4.21
N ARG A 39 2.05 -9.77 3.47
CA ARG A 39 0.59 -9.83 3.68
C ARG A 39 -0.14 -10.81 2.76
N PHE A 40 0.59 -11.46 1.85
CA PHE A 40 -0.02 -12.33 0.86
C PHE A 40 0.61 -13.73 0.80
N LYS A 41 -0.23 -14.75 0.92
CA LYS A 41 0.24 -16.11 0.65
C LYS A 41 -0.32 -16.57 -0.68
N ILE A 42 0.58 -16.80 -1.64
CA ILE A 42 0.25 -17.42 -2.92
C ILE A 42 -0.27 -18.84 -2.67
N PRO A 43 -1.53 -19.11 -3.06
CA PRO A 43 -2.10 -20.45 -2.85
C PRO A 43 -1.24 -21.58 -3.45
N ASP A 44 -1.20 -22.71 -2.75
CA ASP A 44 -0.41 -23.87 -3.16
C ASP A 44 -0.72 -24.34 -4.58
N ASN A 45 -2.01 -24.34 -4.93
CA ASN A 45 -2.45 -24.81 -6.25
C ASN A 45 -2.04 -23.88 -7.39
N ILE A 46 -1.56 -22.69 -7.04
CA ILE A 46 -0.93 -21.79 -8.00
C ILE A 46 0.59 -22.01 -8.02
N ILE A 47 1.18 -22.09 -6.83
CA ILE A 47 2.62 -22.39 -6.68
C ILE A 47 3.03 -23.60 -7.52
N THR A 48 2.21 -24.66 -7.48
CA THR A 48 2.51 -25.93 -8.16
C THR A 48 2.53 -25.83 -9.69
N GLN A 49 1.97 -24.75 -10.24
CA GLN A 49 1.97 -24.51 -11.68
C GLN A 49 3.29 -23.90 -12.16
N TYR A 50 4.10 -23.45 -11.22
CA TYR A 50 5.32 -22.69 -11.54
C TYR A 50 6.59 -23.41 -11.14
N GLN A 51 7.60 -23.28 -11.99
CA GLN A 51 8.96 -23.67 -11.63
C GLN A 51 9.76 -22.41 -11.35
N ASN A 52 10.87 -22.57 -10.64
CA ASN A 52 11.73 -21.43 -10.28
C ASN A 52 10.97 -20.35 -9.52
N ILE A 53 10.03 -20.79 -8.69
CA ILE A 53 9.26 -19.89 -7.82
C ILE A 53 9.78 -20.04 -6.39
N HIS A 54 10.12 -18.91 -5.78
CA HIS A 54 10.77 -18.89 -4.48
C HIS A 54 10.06 -17.93 -3.54
N PHE A 55 10.25 -18.13 -2.24
CA PHE A 55 9.63 -17.25 -1.25
C PHE A 55 10.64 -16.85 -0.20
N VAL A 56 10.57 -15.60 0.23
CA VAL A 56 11.51 -15.09 1.21
C VAL A 56 10.76 -14.25 2.24
N GLU A 57 11.13 -14.43 3.50
CA GLU A 57 10.58 -13.62 4.57
C GLU A 57 11.23 -12.24 4.57
N LEU A 58 10.44 -11.26 4.99
CA LEU A 58 10.96 -9.93 5.27
C LEU A 58 11.03 -9.77 6.79
N LYS A 59 12.11 -9.16 7.25
CA LYS A 59 12.25 -8.83 8.66
C LYS A 59 12.94 -7.49 8.72
N ASP A 60 12.40 -6.57 9.53
CA ASP A 60 12.90 -5.17 9.59
C ASP A 60 12.92 -4.50 8.20
N ASN A 61 11.86 -4.71 7.43
CA ASN A 61 11.69 -4.12 6.08
C ASN A 61 12.75 -4.50 5.07
N ARG A 62 13.25 -5.73 5.18
CA ARG A 62 14.15 -6.28 4.19
C ARG A 62 14.13 -7.81 4.14
N PRO A 63 14.42 -8.37 2.95
CA PRO A 63 14.58 -9.81 2.78
C PRO A 63 15.64 -10.28 3.75
N THR A 64 15.40 -11.42 4.38
CA THR A 64 16.39 -12.00 5.29
C THR A 64 17.49 -12.57 4.41
N GLU A 65 18.54 -13.11 5.05
CA GLU A 65 19.65 -13.68 4.30
C GLU A 65 19.34 -15.01 3.61
N ALA A 66 18.11 -15.50 3.84
CA ALA A 66 17.53 -16.60 3.05
C ALA A 66 17.51 -16.29 1.54
N LEU A 67 17.44 -15.00 1.22
CA LEU A 67 17.52 -14.52 -0.17
C LEU A 67 18.76 -15.06 -0.87
N PHE A 68 19.88 -15.09 -0.15
CA PHE A 68 21.17 -15.44 -0.73
C PHE A 68 21.22 -16.88 -1.18
N THR A 69 20.54 -17.76 -0.44
CA THR A 69 20.45 -19.18 -0.77
C THR A 69 19.68 -19.39 -2.07
N ILE A 70 18.58 -18.66 -2.21
CA ILE A 70 17.80 -18.69 -3.43
C ILE A 70 18.64 -18.22 -4.63
N LEU A 71 19.26 -17.05 -4.50
CA LEU A 71 20.07 -16.49 -5.60
C LEU A 71 21.27 -17.37 -5.98
N ASP A 72 21.78 -18.13 -5.02
CA ASP A 72 22.93 -19.01 -5.25
C ASP A 72 22.59 -20.17 -6.23
N GLN A 73 21.31 -20.50 -6.33
CA GLN A 73 20.81 -21.52 -7.26
C GLN A 73 21.02 -21.13 -8.72
N TYR A 74 21.22 -19.83 -8.97
CA TYR A 74 21.37 -19.31 -10.33
C TYR A 74 22.81 -18.81 -10.58
N PRO A 75 23.70 -19.72 -11.02
CA PRO A 75 25.15 -19.49 -11.01
C PRO A 75 25.75 -18.70 -12.18
N GLY A 76 24.92 -18.27 -13.13
CA GLY A 76 25.41 -17.48 -14.26
C GLY A 76 25.23 -16.00 -14.06
N ASN A 77 25.40 -15.24 -15.13
CA ASN A 77 25.06 -13.82 -15.15
C ASN A 77 23.57 -13.65 -14.89
N ILE A 78 23.23 -12.89 -13.86
CA ILE A 78 21.84 -12.67 -13.52
C ILE A 78 21.51 -11.18 -13.44
N GLU A 79 20.33 -10.84 -13.94
CA GLU A 79 19.87 -9.45 -13.91
C GLU A 79 18.59 -9.41 -13.09
N LEU A 80 18.55 -8.53 -12.11
CA LEU A 80 17.44 -8.49 -11.19
C LEU A 80 16.41 -7.44 -11.59
N ASN A 81 15.18 -7.90 -11.81
CA ASN A 81 14.02 -7.05 -12.06
C ASN A 81 13.28 -6.92 -10.72
N ILE A 82 13.47 -5.79 -10.04
CA ILE A 82 13.06 -5.65 -8.64
C ILE A 82 11.84 -4.75 -8.46
N HIS A 83 10.83 -5.27 -7.76
CA HIS A 83 9.63 -4.52 -7.42
C HIS A 83 9.65 -4.21 -5.93
N LEU A 84 9.45 -2.95 -5.59
CA LEU A 84 9.60 -2.45 -4.21
C LEU A 84 8.51 -1.48 -3.75
N ASN A 85 8.37 -1.46 -2.44
CA ASN A 85 7.61 -0.46 -1.69
C ASN A 85 8.50 0.80 -1.63
N ILE A 86 7.98 1.95 -2.04
CA ILE A 86 8.76 3.21 -2.06
C ILE A 86 9.26 3.65 -0.68
N ALA A 87 8.36 3.78 0.29
CA ALA A 87 8.74 4.23 1.64
C ALA A 87 9.88 3.38 2.19
N HIS A 88 9.84 2.09 1.88
CA HIS A 88 10.79 1.14 2.44
C HIS A 88 11.85 0.68 1.45
N SER A 89 12.00 1.41 0.33
CA SER A 89 12.89 0.97 -0.76
C SER A 89 14.36 0.79 -0.36
N VAL A 90 14.87 1.71 0.46
CA VAL A 90 16.29 1.71 0.85
C VAL A 90 16.65 0.45 1.64
N GLN A 91 15.80 0.06 2.59
CA GLN A 91 16.04 -1.16 3.37
C GLN A 91 15.81 -2.43 2.55
N LEU A 92 14.73 -2.44 1.76
CA LEU A 92 14.36 -3.64 1.00
C LEU A 92 15.45 -4.07 0.01
N ILE A 93 16.12 -3.07 -0.57
CA ILE A 93 17.16 -3.35 -1.53
C ILE A 93 18.53 -3.63 -0.85
N ARG A 94 18.63 -3.34 0.43
CA ARG A 94 19.91 -3.48 1.14
C ARG A 94 20.57 -4.87 0.94
N PRO A 95 19.82 -5.97 1.17
CA PRO A 95 20.49 -7.28 1.04
C PRO A 95 20.79 -7.63 -0.41
N ILE A 96 19.99 -7.09 -1.33
CA ILE A 96 20.22 -7.25 -2.76
C ILE A 96 21.56 -6.61 -3.12
N LEU A 97 21.79 -5.39 -2.63
CA LEU A 97 23.05 -4.69 -2.88
C LEU A 97 24.24 -5.44 -2.30
N ALA A 98 24.06 -6.00 -1.10
CA ALA A 98 25.10 -6.77 -0.42
C ALA A 98 25.48 -8.02 -1.25
N TYR A 99 24.47 -8.73 -1.74
CA TYR A 99 24.69 -9.87 -2.63
C TYR A 99 25.42 -9.45 -3.91
N ARG A 100 24.98 -8.36 -4.53
CA ARG A 100 25.63 -7.85 -5.74
C ARG A 100 27.13 -7.58 -5.51
N PHE A 101 27.44 -6.97 -4.36
CA PHE A 101 28.83 -6.71 -3.98
C PHE A 101 29.68 -7.97 -3.92
N LYS A 102 29.10 -9.05 -3.41
CA LYS A 102 29.81 -10.34 -3.28
C LYS A 102 29.99 -11.04 -4.63
N HIS A 103 29.11 -10.73 -5.59
CA HIS A 103 29.14 -11.36 -6.91
C HIS A 103 29.12 -10.30 -8.00
N LEU A 104 30.02 -9.33 -7.88
CA LEU A 104 29.98 -8.12 -8.70
C LEU A 104 30.17 -8.40 -10.18
N ASP A 105 30.86 -9.51 -10.47
CA ASP A 105 31.12 -9.94 -11.84
C ASP A 105 29.92 -10.58 -12.57
N ARG A 106 28.93 -11.06 -11.83
CA ARG A 106 27.80 -11.79 -12.44
C ARG A 106 26.40 -11.21 -12.16
N VAL A 107 26.27 -10.42 -11.10
CA VAL A 107 24.96 -9.90 -10.68
C VAL A 107 24.77 -8.41 -11.01
N SER A 108 23.71 -8.10 -11.76
CA SER A 108 23.38 -6.70 -12.03
C SER A 108 21.92 -6.38 -11.69
N ILE A 109 21.64 -5.09 -11.49
CA ILE A 109 20.27 -4.66 -11.30
C ILE A 109 19.75 -4.16 -12.65
N GLN A 110 18.72 -4.83 -13.15
CA GLN A 110 18.16 -4.53 -14.46
C GLN A 110 17.34 -3.24 -14.40
N GLN A 111 16.43 -3.17 -13.43
CA GLN A 111 15.47 -2.08 -13.32
C GLN A 111 14.72 -2.16 -12.00
N LEU A 112 14.12 -1.04 -11.60
CA LEU A 112 13.29 -1.00 -10.42
C LEU A 112 11.88 -0.60 -10.80
N ASN A 113 10.91 -1.25 -10.17
CA ASN A 113 9.53 -0.82 -10.24
C ASN A 113 9.10 -0.54 -8.81
N LEU A 114 8.64 0.68 -8.56
CA LEU A 114 8.38 1.11 -7.21
C LEU A 114 6.95 1.61 -7.07
N TYR A 115 6.33 1.27 -5.94
CA TYR A 115 4.92 1.56 -5.68
C TYR A 115 4.76 2.11 -4.28
N ASP A 116 3.84 3.06 -4.12
CA ASP A 116 3.57 3.64 -2.80
C ASP A 116 3.09 2.60 -1.78
N ASP A 117 3.72 2.62 -0.61
CA ASP A 117 3.20 2.01 0.61
C ASP A 117 1.73 2.51 0.79
N GLY A 118 1.51 3.80 0.52
CA GLY A 118 0.19 4.41 0.58
C GLY A 118 0.22 5.87 0.97
N SER A 119 -0.62 6.24 1.94
CA SER A 119 -0.66 7.60 2.49
C SER A 119 0.69 8.04 3.08
N MET A 120 1.47 7.09 3.60
CA MET A 120 2.73 7.42 4.29
C MET A 120 3.67 8.28 3.45
N GLU A 121 3.87 7.91 2.17
CA GLU A 121 4.74 8.70 1.31
C GLU A 121 4.28 10.16 1.27
N TYR A 122 2.98 10.37 1.22
CA TYR A 122 2.43 11.72 1.02
C TYR A 122 2.44 12.55 2.30
N VAL A 123 2.21 11.88 3.41
CA VAL A 123 2.33 12.53 4.72
C VAL A 123 3.78 12.94 4.96
N ASP A 124 4.71 12.07 4.57
CA ASP A 124 6.15 12.34 4.66
C ASP A 124 6.55 13.48 3.75
N LEU A 125 6.06 13.47 2.51
CA LEU A 125 6.36 14.55 1.58
C LEU A 125 5.82 15.89 2.07
N GLU A 126 4.65 15.87 2.70
CA GLU A 126 4.04 17.09 3.24
C GLU A 126 4.94 17.78 4.27
N LYS A 127 5.66 16.98 5.07
CA LYS A 127 6.60 17.51 6.07
C LYS A 127 7.81 18.24 5.48
N GLU A 128 8.05 18.07 4.18
CA GLU A 128 9.20 18.71 3.52
C GLU A 128 8.84 20.06 2.89
N GLU A 129 7.66 20.56 3.24
CA GLU A 129 7.09 21.74 2.59
C GLU A 129 7.96 23.00 2.59
N ASN A 130 8.83 23.16 3.58
CA ASN A 130 9.62 24.41 3.69
C ASN A 130 11.08 24.28 3.24
N LYS A 131 11.44 23.13 2.69
CA LYS A 131 12.80 22.87 2.25
C LYS A 131 13.03 23.28 0.79
N ASP A 132 14.30 23.48 0.45
CA ASP A 132 14.71 23.66 -0.94
C ASP A 132 14.75 22.28 -1.60
N ILE A 133 13.64 21.89 -2.21
CA ILE A 133 13.49 20.54 -2.75
C ILE A 133 14.55 20.19 -3.80
N SER A 134 14.85 21.13 -4.69
CA SER A 134 15.90 20.91 -5.69
C SER A 134 17.25 20.53 -5.02
N ALA A 135 17.64 21.28 -3.99
CA ALA A 135 18.84 20.99 -3.20
C ALA A 135 18.78 19.64 -2.49
N GLU A 136 17.63 19.30 -1.92
CA GLU A 136 17.45 18.01 -1.26
C GLU A 136 17.68 16.83 -2.22
N ILE A 137 17.20 16.98 -3.46
CA ILE A 137 17.37 15.96 -4.50
C ILE A 137 18.86 15.72 -4.81
N LYS A 138 19.58 16.81 -5.06
CA LYS A 138 21.00 16.73 -5.36
C LYS A 138 21.81 16.08 -4.24
N GLN A 139 21.48 16.42 -2.99
CA GLN A 139 22.15 15.80 -1.83
C GLN A 139 21.80 14.32 -1.69
N ALA A 140 20.53 13.97 -1.93
CA ALA A 140 20.09 12.58 -1.82
C ALA A 140 20.76 11.72 -2.89
N GLU A 141 20.90 12.26 -4.09
CA GLU A 141 21.64 11.58 -5.17
C GLU A 141 23.07 11.23 -4.76
N LYS A 142 23.75 12.19 -4.14
CA LYS A 142 25.13 12.01 -3.67
C LYS A 142 25.21 10.93 -2.60
N GLN A 143 24.28 10.97 -1.66
CA GLN A 143 24.23 10.01 -0.56
C GLN A 143 23.76 8.63 -1.02
N LEU A 144 22.95 8.58 -2.09
CA LEU A 144 22.63 7.30 -2.71
C LEU A 144 23.87 6.66 -3.33
N SER A 145 24.65 7.47 -4.04
CA SER A 145 25.93 7.05 -4.61
C SER A 145 26.82 6.38 -3.55
N HIS A 146 26.96 7.00 -2.38
CA HIS A 146 27.73 6.43 -1.26
C HIS A 146 27.19 5.06 -0.80
N TYR A 147 25.87 4.97 -0.69
CA TYR A 147 25.17 3.73 -0.36
C TYR A 147 25.52 2.65 -1.38
N LEU A 148 25.36 2.98 -2.66
CA LEU A 148 25.66 2.03 -3.74
C LEU A 148 27.13 1.62 -3.75
N LEU A 149 28.03 2.56 -3.47
CA LEU A 149 29.46 2.25 -3.50
C LEU A 149 29.97 1.52 -2.25
N THR A 150 29.35 1.77 -1.09
CA THR A 150 29.89 1.25 0.18
C THR A 150 28.95 0.27 0.90
N GLY A 151 27.67 0.32 0.56
CA GLY A 151 26.64 -0.44 1.27
C GLY A 151 26.15 0.24 2.54
N LYS A 152 26.71 1.42 2.84
CA LYS A 152 26.37 2.19 4.05
C LYS A 152 25.25 3.21 3.78
N ILE A 153 24.24 3.18 4.64
CA ILE A 153 23.06 4.04 4.54
C ILE A 153 23.23 5.25 5.45
N LYS A 154 23.19 6.42 4.83
CA LYS A 154 23.21 7.68 5.56
C LYS A 154 22.60 8.75 4.66
N PHE A 155 21.34 9.08 4.95
CA PHE A 155 20.61 10.11 4.21
C PHE A 155 20.18 11.26 5.10
N ASP A 156 20.55 12.48 4.70
CA ASP A 156 20.11 13.68 5.42
C ASP A 156 18.60 13.87 5.27
N ASN A 157 18.09 13.41 4.13
CA ASN A 157 16.66 13.46 3.87
C ASN A 157 16.12 12.09 3.44
N PRO A 158 15.84 11.21 4.41
CA PRO A 158 15.31 9.87 4.09
C PRO A 158 14.09 9.90 3.16
N THR A 159 13.20 10.87 3.33
CA THR A 159 12.02 11.01 2.48
C THR A 159 12.36 11.27 1.01
N ILE A 160 13.16 12.30 0.72
CA ILE A 160 13.50 12.61 -0.68
C ILE A 160 14.38 11.51 -1.30
N ALA A 161 15.16 10.83 -0.44
CA ALA A 161 16.02 9.72 -0.86
C ALA A 161 15.25 8.59 -1.56
N ARG A 162 13.97 8.44 -1.22
CA ARG A 162 13.10 7.43 -1.86
C ARG A 162 12.86 7.66 -3.36
N TYR A 163 13.13 8.88 -3.83
CA TYR A 163 12.76 9.31 -5.19
C TYR A 163 13.95 9.52 -6.14
N VAL A 164 15.17 9.16 -5.71
CA VAL A 164 16.37 9.43 -6.53
C VAL A 164 17.02 8.20 -7.19
N TRP A 165 16.28 7.10 -7.26
CA TRP A 165 16.80 5.84 -7.79
C TRP A 165 17.19 5.94 -9.27
N GLN A 166 16.53 6.82 -10.02
CA GLN A 166 16.85 7.03 -11.44
C GLN A 166 18.30 7.46 -11.71
N SER A 167 18.95 8.05 -10.69
CA SER A 167 20.33 8.47 -10.81
C SER A 167 21.26 7.26 -10.90
N ALA A 168 20.72 6.07 -10.66
CA ALA A 168 21.50 4.83 -10.60
C ALA A 168 20.93 3.71 -11.46
N PHE A 169 19.60 3.62 -11.56
CA PHE A 169 18.93 2.51 -12.24
C PHE A 169 17.80 2.98 -13.14
N PRO A 170 17.48 2.22 -14.21
CA PRO A 170 16.20 2.44 -14.87
C PRO A 170 15.09 2.16 -13.85
N VAL A 171 14.12 3.07 -13.75
CA VAL A 171 13.07 2.98 -12.74
C VAL A 171 11.71 3.38 -13.29
N LYS A 172 10.65 2.84 -12.70
CA LYS A 172 9.28 3.31 -12.91
C LYS A 172 8.59 3.40 -11.55
N TYR A 173 8.04 4.58 -11.25
CA TYR A 173 7.28 4.77 -10.01
C TYR A 173 5.80 4.67 -10.32
N HIS A 174 5.05 4.04 -9.41
CA HIS A 174 3.62 3.91 -9.53
C HIS A 174 3.01 4.57 -8.31
N PHE A 175 2.42 5.75 -8.52
CA PHE A 175 1.96 6.60 -7.42
C PHE A 175 0.47 6.42 -7.15
N LEU A 176 0.12 6.36 -5.88
CA LEU A 176 -1.27 6.43 -5.44
C LEU A 176 -1.92 7.75 -5.86
N SER A 177 -1.16 8.83 -5.80
CA SER A 177 -1.66 10.13 -6.25
C SER A 177 -0.62 10.84 -7.12
N THR A 178 -0.89 10.93 -8.41
CA THR A 178 -0.08 11.79 -9.29
C THR A 178 -0.50 13.23 -9.12
N ASP A 179 -1.76 13.44 -8.73
CA ASP A 179 -2.29 14.79 -8.44
C ASP A 179 -1.49 15.50 -7.35
N TYR A 180 -1.02 14.76 -6.36
CA TYR A 180 -0.24 15.37 -5.28
C TYR A 180 0.99 16.09 -5.83
N PHE A 181 1.68 15.44 -6.78
CA PHE A 181 2.91 16.00 -7.33
C PHE A 181 2.64 17.18 -8.24
N GLU A 182 1.38 17.36 -8.60
CA GLU A 182 0.91 18.49 -9.39
C GLU A 182 0.46 19.63 -8.46
N LYS A 183 -0.17 19.28 -7.35
CA LYS A 183 -0.87 20.25 -6.48
C LYS A 183 0.02 20.84 -5.40
N ALA A 184 1.01 20.07 -4.96
CA ALA A 184 1.97 20.54 -3.98
C ALA A 184 3.05 21.33 -4.71
N GLU A 185 2.88 22.64 -4.75
CA GLU A 185 3.74 23.52 -5.54
C GLU A 185 5.21 23.45 -5.11
N PHE A 186 5.45 23.31 -3.81
CA PHE A 186 6.82 23.12 -3.29
C PHE A 186 7.55 21.87 -3.86
N LEU A 187 6.80 20.93 -4.40
CA LEU A 187 7.38 19.72 -4.96
C LEU A 187 7.65 19.78 -6.46
N GLN A 188 7.38 20.94 -7.05
CA GLN A 188 7.57 21.13 -8.48
C GLN A 188 8.93 20.61 -9.00
N PRO A 189 10.04 20.93 -8.30
CA PRO A 189 11.34 20.39 -8.73
C PRO A 189 11.42 18.86 -8.76
N LEU A 190 10.69 18.19 -7.87
CA LEU A 190 10.65 16.73 -7.80
C LEU A 190 9.83 16.14 -8.96
N LYS A 191 8.67 16.76 -9.22
CA LYS A 191 7.82 16.39 -10.34
C LYS A 191 8.65 16.46 -11.63
N GLU A 192 9.35 17.58 -11.79
CA GLU A 192 10.14 17.85 -12.99
C GLU A 192 11.34 16.90 -13.11
N TYR A 193 11.99 16.62 -11.98
CA TYR A 193 13.10 15.66 -11.91
C TYR A 193 12.65 14.25 -12.30
N LEU A 194 11.52 13.81 -11.74
CA LEU A 194 11.00 12.48 -12.00
C LEU A 194 10.60 12.29 -13.47
N ALA A 195 10.33 13.40 -14.14
CA ALA A 195 10.20 13.44 -15.60
C ALA A 195 9.20 12.41 -16.13
N GLU A 196 9.66 11.47 -16.94
CA GLU A 196 8.79 10.46 -17.54
C GLU A 196 8.86 9.12 -16.78
N ASN A 197 9.37 9.16 -15.55
CA ASN A 197 9.63 7.95 -14.79
C ASN A 197 8.49 7.56 -13.84
N TYR A 198 7.33 8.19 -13.98
CA TYR A 198 6.20 7.83 -13.14
C TYR A 198 4.84 7.81 -13.84
N GLN A 199 3.93 7.02 -13.27
CA GLN A 199 2.55 6.96 -13.68
C GLN A 199 1.71 6.74 -12.42
N LYS A 200 0.40 6.90 -12.53
CA LYS A 200 -0.50 6.59 -11.43
C LYS A 200 -0.74 5.07 -11.38
N MET A 201 -0.98 4.56 -10.16
CA MET A 201 -1.46 3.17 -10.00
C MET A 201 -2.68 2.97 -10.87
N ASP A 202 -2.64 1.95 -11.72
CA ASP A 202 -3.69 1.76 -12.73
C ASP A 202 -4.72 0.77 -12.23
N TRP A 203 -5.83 1.31 -11.73
CA TRP A 203 -6.89 0.49 -11.14
C TRP A 203 -7.80 -0.10 -12.20
N THR A 204 -7.51 0.21 -13.47
CA THR A 204 -8.27 -0.35 -14.60
C THR A 204 -7.56 -1.58 -15.19
N ALA A 205 -6.37 -1.90 -14.66
CA ALA A 205 -5.58 -3.04 -15.12
C ALA A 205 -6.37 -4.36 -15.01
N TYR A 206 -7.12 -4.53 -13.92
CA TYR A 206 -7.94 -5.73 -13.71
C TYR A 206 -8.97 -5.95 -14.83
N GLN A 207 -9.59 -4.86 -15.24
CA GLN A 207 -10.60 -4.86 -16.29
C GLN A 207 -10.05 -5.27 -17.66
N GLN A 208 -8.73 -5.14 -17.84
CA GLN A 208 -8.09 -5.47 -19.12
C GLN A 208 -7.54 -6.90 -19.16
N LEU A 209 -7.54 -7.57 -18.02
CA LEU A 209 -7.14 -8.97 -17.93
C LEU A 209 -8.16 -9.86 -18.63
N THR A 210 -7.72 -11.03 -19.07
CA THR A 210 -8.63 -12.03 -19.60
C THR A 210 -9.45 -12.58 -18.43
N PRO A 211 -10.63 -13.18 -18.73
CA PRO A 211 -11.42 -13.84 -17.68
C PRO A 211 -10.59 -14.80 -16.81
N GLU A 212 -9.74 -15.60 -17.44
CA GLU A 212 -8.84 -16.52 -16.74
C GLU A 212 -7.88 -15.80 -15.79
N GLN A 213 -7.32 -14.68 -16.25
CA GLN A 213 -6.38 -13.92 -15.44
C GLN A 213 -7.07 -13.21 -14.28
N GLN A 214 -8.30 -12.77 -14.53
CA GLN A 214 -9.13 -12.15 -13.49
C GLN A 214 -9.38 -13.12 -12.34
N ALA A 215 -9.75 -14.35 -12.68
CA ALA A 215 -9.95 -15.40 -11.68
C ALA A 215 -8.65 -15.70 -10.92
N PHE A 216 -7.54 -15.74 -11.65
CA PHE A 216 -6.21 -15.98 -11.09
C PHE A 216 -5.88 -14.86 -10.11
N TYR A 217 -6.08 -13.62 -10.53
CA TYR A 217 -5.80 -12.44 -9.70
C TYR A 217 -6.62 -12.48 -8.40
N LEU A 218 -7.93 -12.72 -8.53
CA LEU A 218 -8.82 -12.74 -7.38
C LEU A 218 -8.41 -13.81 -6.37
N THR A 219 -7.89 -14.93 -6.87
CA THR A 219 -7.38 -15.99 -6.02
C THR A 219 -6.15 -15.51 -5.26
N LEU A 220 -5.27 -14.76 -5.93
CA LEU A 220 -4.07 -14.21 -5.25
C LEU A 220 -4.41 -13.25 -4.10
N VAL A 221 -5.42 -12.40 -4.30
CA VAL A 221 -5.75 -11.34 -3.33
C VAL A 221 -6.74 -11.80 -2.24
N GLY A 222 -7.26 -13.02 -2.38
CA GLY A 222 -8.16 -13.60 -1.36
C GLY A 222 -9.62 -13.28 -1.56
N PHE A 223 -9.96 -12.77 -2.74
CA PHE A 223 -11.34 -12.51 -3.08
C PHE A 223 -12.00 -13.85 -3.42
N ASN A 224 -13.25 -14.03 -2.99
CA ASN A 224 -13.97 -15.27 -3.28
C ASN A 224 -15.44 -14.98 -3.53
N ASP A 225 -16.18 -15.99 -4.00
CA ASP A 225 -17.59 -15.82 -4.34
C ASP A 225 -18.48 -15.41 -3.15
N GLU A 226 -18.19 -15.92 -1.96
CA GLU A 226 -18.98 -15.56 -0.77
C GLU A 226 -18.94 -14.07 -0.41
N VAL A 227 -17.75 -13.47 -0.49
CA VAL A 227 -17.62 -12.02 -0.28
C VAL A 227 -18.34 -11.30 -1.41
N LYS A 228 -18.13 -11.76 -2.65
CA LYS A 228 -18.85 -11.25 -3.81
C LYS A 228 -20.37 -11.26 -3.60
N GLN A 229 -20.91 -12.41 -3.17
CA GLN A 229 -22.34 -12.57 -2.93
C GLN A 229 -22.85 -11.69 -1.78
N SER A 230 -22.04 -11.53 -0.74
CA SER A 230 -22.37 -10.64 0.38
C SER A 230 -22.55 -9.20 -0.09
N LEU A 231 -21.80 -8.80 -1.11
CA LEU A 231 -21.84 -7.44 -1.64
C LEU A 231 -22.80 -7.24 -2.82
N GLU A 232 -23.56 -8.27 -3.16
CA GLU A 232 -24.53 -8.22 -4.26
C GLU A 232 -25.96 -8.17 -3.73
N VAL A 233 -26.06 -8.00 -2.42
CA VAL A 233 -27.34 -7.85 -1.73
C VAL A 233 -28.14 -6.66 -2.27
N GLN A 234 -29.45 -6.85 -2.42
CA GLN A 234 -30.36 -5.82 -2.91
C GLN A 234 -30.76 -4.82 -1.82
N GLN A 235 -29.78 -4.03 -1.39
CA GLN A 235 -29.95 -3.02 -0.35
C GLN A 235 -28.80 -2.01 -0.43
N ALA A 236 -29.10 -0.75 -0.10
CA ALA A 236 -28.07 0.28 0.07
C ALA A 236 -27.04 -0.22 1.08
N LYS A 237 -25.76 0.01 0.78
CA LYS A 237 -24.68 -0.51 1.60
C LYS A 237 -23.75 0.57 2.12
N PHE A 238 -23.34 0.40 3.37
CA PHE A 238 -22.31 1.24 3.98
C PHE A 238 -21.20 0.34 4.47
N ILE A 239 -19.96 0.68 4.12
CA ILE A 239 -18.84 -0.07 4.63
C ILE A 239 -18.08 0.81 5.61
N PHE A 240 -17.92 0.30 6.82
CA PHE A 240 -17.10 0.96 7.81
C PHE A 240 -15.71 0.38 7.67
N THR A 241 -14.74 1.27 7.45
CA THR A 241 -13.36 0.83 7.27
C THR A 241 -12.57 1.00 8.56
N GLY A 242 -11.75 0.00 8.88
CA GLY A 242 -10.97 0.03 10.10
C GLY A 242 -9.56 0.55 9.88
N THR A 243 -8.92 0.90 10.98
CA THR A 243 -7.52 1.29 10.98
C THR A 243 -6.79 0.40 11.99
N THR A 244 -5.49 0.64 12.16
CA THR A 244 -4.77 -0.05 13.21
C THR A 244 -3.78 0.91 13.84
N THR A 245 -3.07 0.44 14.86
CA THR A 245 -1.91 1.17 15.38
C THR A 245 -0.73 0.21 15.31
N TRP A 246 0.48 0.73 15.17
CA TRP A 246 1.67 -0.14 15.21
C TRP A 246 2.23 -0.30 16.61
N GLU A 247 1.63 0.40 17.56
CA GLU A 247 2.02 0.28 18.97
C GLU A 247 1.59 -1.07 19.52
N GLY A 248 2.44 -1.67 20.33
CA GLY A 248 2.13 -2.91 21.02
C GLY A 248 1.49 -2.66 22.37
N ASN A 249 1.56 -1.41 22.83
CA ASN A 249 1.01 -1.02 24.13
C ASN A 249 -0.50 -1.28 24.23
N THR A 250 -0.86 -2.15 25.18
CA THR A 250 -2.25 -2.56 25.39
C THR A 250 -3.18 -1.36 25.57
N ASP A 251 -2.76 -0.38 26.36
CA ASP A 251 -3.52 0.85 26.57
C ASP A 251 -3.83 1.54 25.24
N VAL A 252 -2.83 1.64 24.38
CA VAL A 252 -2.99 2.25 23.05
C VAL A 252 -3.91 1.41 22.14
N ARG A 253 -3.67 0.10 22.09
CA ARG A 253 -4.46 -0.79 21.23
C ARG A 253 -5.92 -0.88 21.66
N GLU A 254 -6.15 -0.92 22.97
CA GLU A 254 -7.50 -0.91 23.54
C GLU A 254 -8.19 0.43 23.28
N TYR A 255 -7.42 1.51 23.41
CA TYR A 255 -7.91 2.85 23.12
C TYR A 255 -8.40 2.91 21.68
N TYR A 256 -7.55 2.49 20.74
CA TYR A 256 -7.88 2.45 19.32
C TYR A 256 -9.15 1.64 19.05
N ALA A 257 -9.25 0.47 19.66
CA ALA A 257 -10.41 -0.42 19.46
C ALA A 257 -11.70 0.23 19.95
N GLN A 258 -11.69 0.73 21.19
CA GLN A 258 -12.82 1.43 21.79
C GLN A 258 -13.24 2.67 21.00
N GLN A 259 -12.27 3.49 20.64
CA GLN A 259 -12.55 4.71 19.88
C GLN A 259 -13.12 4.39 18.51
N GLN A 260 -12.64 3.31 17.90
CA GLN A 260 -13.13 2.93 16.57
C GLN A 260 -14.54 2.36 16.64
N LEU A 261 -14.82 1.55 17.65
CA LEU A 261 -16.20 1.12 17.89
C LEU A 261 -17.13 2.32 18.10
N ASN A 262 -16.69 3.30 18.90
CA ASN A 262 -17.47 4.51 19.11
C ASN A 262 -17.74 5.29 17.80
N LEU A 263 -16.75 5.31 16.93
CA LEU A 263 -16.88 5.92 15.61
C LEU A 263 -17.97 5.23 14.76
N LEU A 264 -17.88 3.91 14.67
CA LEU A 264 -18.90 3.10 13.99
C LEU A 264 -20.29 3.45 14.52
N ASN A 265 -20.43 3.54 15.84
CA ASN A 265 -21.72 3.91 16.43
C ASN A 265 -22.20 5.30 15.99
N HIS A 266 -21.27 6.23 15.84
CA HIS A 266 -21.62 7.58 15.38
C HIS A 266 -22.13 7.59 13.94
N PHE A 267 -21.67 6.63 13.14
CA PHE A 267 -22.18 6.42 11.79
C PHE A 267 -23.55 5.73 11.78
N THR A 268 -23.73 4.71 12.62
CA THR A 268 -24.87 3.79 12.48
C THR A 268 -26.04 4.00 13.43
N GLN A 269 -25.84 4.77 14.51
CA GLN A 269 -26.92 5.02 15.46
C GLN A 269 -27.59 6.36 15.18
N ALA A 270 -28.92 6.38 15.29
CA ALA A 270 -29.74 7.57 15.05
C ALA A 270 -29.24 8.83 15.75
N GLU A 271 -28.70 8.66 16.96
CA GLU A 271 -28.18 9.77 17.76
C GLU A 271 -26.77 10.20 17.36
N GLY A 272 -26.10 9.39 16.55
CA GLY A 272 -24.73 9.65 16.13
C GLY A 272 -24.54 10.94 15.38
N ASP A 273 -23.37 11.55 15.56
CA ASP A 273 -23.01 12.79 14.87
C ASP A 273 -22.92 12.61 13.36
N LEU A 274 -22.65 11.38 12.92
CA LEU A 274 -22.44 11.08 11.50
C LEU A 274 -23.48 10.11 10.94
N PHE A 275 -24.65 10.06 11.58
CA PHE A 275 -25.72 9.12 11.23
C PHE A 275 -26.05 9.09 9.74
N ILE A 276 -25.88 7.91 9.13
CA ILE A 276 -26.07 7.75 7.69
C ILE A 276 -27.51 7.49 7.26
N GLY A 277 -28.35 7.01 8.17
CA GLY A 277 -29.73 6.65 7.85
C GLY A 277 -29.99 5.18 8.11
N ASP A 278 -31.24 4.86 8.44
CA ASP A 278 -31.68 3.52 8.85
C ASP A 278 -31.70 2.45 7.74
N HIS A 279 -31.62 2.87 6.48
CA HIS A 279 -31.86 1.95 5.36
C HIS A 279 -30.60 1.24 4.84
N TYR A 280 -29.43 1.59 5.37
CA TYR A 280 -28.19 0.96 4.93
C TYR A 280 -27.94 -0.38 5.60
N LYS A 281 -27.40 -1.32 4.82
CA LYS A 281 -26.80 -2.54 5.36
C LYS A 281 -25.36 -2.20 5.71
N ILE A 282 -24.91 -2.59 6.91
CA ILE A 282 -23.59 -2.21 7.43
C ILE A 282 -22.58 -3.35 7.27
N TYR A 283 -21.44 -3.02 6.70
CA TYR A 283 -20.33 -3.96 6.55
C TYR A 283 -19.13 -3.42 7.31
N PHE A 284 -18.23 -4.34 7.71
CA PHE A 284 -16.96 -3.95 8.28
C PHE A 284 -15.83 -4.46 7.39
N LYS A 285 -14.96 -3.54 6.98
CA LYS A 285 -13.73 -3.85 6.27
C LYS A 285 -12.58 -3.44 7.19
N GLY A 286 -12.12 -4.39 7.99
CA GLY A 286 -11.05 -4.12 8.94
C GLY A 286 -9.70 -3.91 8.25
N HIS A 287 -8.80 -3.23 8.95
CA HIS A 287 -7.42 -3.08 8.46
C HIS A 287 -6.79 -4.48 8.37
N PRO A 288 -6.01 -4.75 7.29
CA PRO A 288 -5.37 -6.06 7.16
C PRO A 288 -4.53 -6.46 8.38
N ARG A 289 -4.01 -5.49 9.11
CA ARG A 289 -3.22 -5.73 10.32
C ARG A 289 -3.94 -5.30 11.60
N GLY A 290 -5.26 -5.12 11.53
CA GLY A 290 -6.07 -4.72 12.68
C GLY A 290 -6.01 -5.68 13.86
N GLY A 291 -5.92 -6.98 13.57
CA GLY A 291 -5.76 -8.00 14.61
C GLY A 291 -6.91 -7.94 15.61
N GLU A 292 -6.60 -7.88 16.89
CA GLU A 292 -7.64 -7.82 17.91
C GLU A 292 -8.52 -6.56 17.85
N ILE A 293 -8.03 -5.49 17.22
CA ILE A 293 -8.84 -4.28 16.96
C ILE A 293 -10.02 -4.61 16.03
N ASN A 294 -9.74 -5.43 15.02
CA ASN A 294 -10.77 -6.01 14.16
C ASN A 294 -11.77 -6.85 14.97
N ASP A 295 -11.26 -7.77 15.78
CA ASP A 295 -12.09 -8.62 16.62
C ASP A 295 -13.06 -7.81 17.49
N TYR A 296 -12.56 -6.69 18.06
CA TYR A 296 -13.37 -5.84 18.94
C TYR A 296 -14.63 -5.31 18.27
N ILE A 297 -14.51 -4.88 17.01
CA ILE A 297 -15.70 -4.47 16.23
C ILE A 297 -16.68 -5.61 16.04
N LEU A 298 -16.21 -6.76 15.56
CA LEU A 298 -17.08 -7.91 15.30
C LEU A 298 -17.75 -8.43 16.58
N ASN A 299 -17.02 -8.42 17.68
CA ASN A 299 -17.56 -8.86 18.98
C ASN A 299 -18.57 -7.90 19.61
N ASN A 300 -18.43 -6.61 19.33
CA ASN A 300 -19.19 -5.58 20.06
C ASN A 300 -20.22 -4.82 19.23
N ALA A 301 -20.16 -4.97 17.91
CA ALA A 301 -21.15 -4.34 17.03
C ALA A 301 -22.36 -5.25 16.82
N LYS A 302 -23.42 -4.73 16.19
CA LYS A 302 -24.58 -5.56 15.84
C LYS A 302 -24.96 -5.36 14.39
N ASN A 303 -25.54 -6.40 13.79
CA ASN A 303 -26.01 -6.35 12.42
C ASN A 303 -24.92 -5.76 11.53
N ILE A 304 -23.72 -6.35 11.60
CA ILE A 304 -22.64 -5.95 10.72
C ILE A 304 -22.15 -7.17 9.95
N THR A 305 -21.84 -6.97 8.67
CA THR A 305 -21.33 -8.05 7.82
C THR A 305 -19.83 -7.88 7.61
N ASN A 306 -19.04 -8.85 8.05
CA ASN A 306 -17.59 -8.75 7.90
C ASN A 306 -17.14 -8.97 6.46
N ILE A 307 -16.21 -8.15 6.01
CA ILE A 307 -15.46 -8.40 4.78
C ILE A 307 -14.04 -8.73 5.26
N PRO A 308 -13.61 -9.98 5.03
CA PRO A 308 -12.35 -10.47 5.60
C PRO A 308 -11.24 -9.43 5.47
N ALA A 309 -10.55 -9.17 6.57
CA ALA A 309 -9.65 -8.01 6.68
C ALA A 309 -8.47 -8.04 5.70
N ASN A 310 -8.08 -9.24 5.26
CA ASN A 310 -6.99 -9.44 4.32
C ASN A 310 -7.31 -9.02 2.88
N ILE A 311 -8.60 -8.91 2.57
CA ILE A 311 -9.02 -8.43 1.25
C ILE A 311 -8.84 -6.91 1.15
N SER A 312 -7.91 -6.46 0.32
CA SER A 312 -7.71 -5.04 0.16
C SER A 312 -8.96 -4.41 -0.42
N PHE A 313 -9.33 -3.26 0.12
CA PHE A 313 -10.51 -2.53 -0.27
C PHE A 313 -10.60 -2.26 -1.78
N GLU A 314 -9.47 -1.94 -2.41
CA GLU A 314 -9.45 -1.58 -3.83
C GLU A 314 -9.93 -2.72 -4.75
N VAL A 315 -9.90 -3.95 -4.26
CA VAL A 315 -10.42 -5.11 -5.02
C VAL A 315 -11.92 -4.95 -5.28
N LEU A 316 -12.64 -4.38 -4.31
CA LEU A 316 -14.08 -4.10 -4.48
C LEU A 316 -14.32 -3.10 -5.62
N MET A 317 -13.43 -2.14 -5.78
CA MET A 317 -13.50 -1.20 -6.89
C MET A 317 -13.23 -1.91 -8.21
N MET A 318 -12.20 -2.75 -8.22
CA MET A 318 -11.85 -3.53 -9.43
C MET A 318 -13.00 -4.43 -9.89
N THR A 319 -13.69 -5.05 -8.94
CA THR A 319 -14.74 -6.02 -9.23
C THR A 319 -16.12 -5.35 -9.41
N GLY A 320 -16.14 -4.02 -9.33
CA GLY A 320 -17.37 -3.24 -9.46
C GLY A 320 -18.35 -3.43 -8.31
N LEU A 321 -17.82 -3.72 -7.13
CA LEU A 321 -18.67 -4.03 -5.99
C LEU A 321 -18.60 -2.99 -4.89
N LEU A 322 -18.27 -1.74 -5.26
CA LEU A 322 -18.25 -0.66 -4.27
C LEU A 322 -19.64 -0.44 -3.68
N PRO A 323 -19.71 -0.09 -2.37
CA PRO A 323 -21.00 0.20 -1.75
C PRO A 323 -21.41 1.64 -2.04
N ASP A 324 -22.58 2.03 -1.55
CA ASP A 324 -23.04 3.41 -1.70
C ASP A 324 -22.17 4.39 -0.91
N LYS A 325 -21.85 4.01 0.33
CA LYS A 325 -21.12 4.89 1.25
C LYS A 325 -20.01 4.15 1.99
N VAL A 326 -18.93 4.88 2.28
CA VAL A 326 -17.77 4.36 2.97
C VAL A 326 -17.34 5.40 4.00
N GLY A 327 -17.09 4.96 5.23
CA GLY A 327 -16.67 5.90 6.26
C GLY A 327 -15.78 5.21 7.27
N GLY A 328 -14.95 5.99 7.95
CA GLY A 328 -14.06 5.46 8.96
C GLY A 328 -12.81 6.31 9.12
N VAL A 329 -11.81 5.72 9.74
CA VAL A 329 -10.58 6.46 10.03
C VAL A 329 -9.75 6.56 8.75
N ALA A 330 -9.07 7.69 8.58
CA ALA A 330 -8.26 7.97 7.40
C ALA A 330 -7.37 6.78 7.03
N SER A 331 -7.50 6.36 5.78
CA SER A 331 -6.79 5.22 5.24
C SER A 331 -6.39 5.53 3.80
N SER A 332 -5.33 4.87 3.34
CA SER A 332 -4.90 4.92 1.95
C SER A 332 -6.00 4.56 0.96
N LEU A 333 -6.96 3.74 1.39
CA LEU A 333 -8.06 3.31 0.54
C LEU A 333 -8.91 4.48 0.02
N TYR A 334 -8.97 5.57 0.79
CA TYR A 334 -9.72 6.77 0.39
C TYR A 334 -9.06 7.57 -0.74
N PHE A 335 -7.80 7.28 -1.04
CA PHE A 335 -7.09 7.95 -2.12
C PHE A 335 -7.61 7.59 -3.53
N SER A 336 -8.23 6.41 -3.66
CA SER A 336 -8.69 5.96 -4.97
C SER A 336 -10.20 5.71 -4.96
N LEU A 337 -10.87 6.15 -3.91
CA LEU A 337 -12.32 5.99 -3.80
C LEU A 337 -13.02 7.15 -4.51
N PRO A 338 -13.99 6.84 -5.39
CA PRO A 338 -14.81 7.89 -5.98
C PRO A 338 -15.43 8.78 -4.89
N LYS A 339 -15.28 10.09 -5.06
CA LYS A 339 -15.65 11.06 -4.02
C LYS A 339 -17.12 10.98 -3.57
N GLU A 340 -18.02 10.62 -4.49
CA GLU A 340 -19.45 10.48 -4.18
C GLU A 340 -19.75 9.41 -3.12
N LYS A 341 -18.79 8.51 -2.92
CA LYS A 341 -19.00 7.40 -1.99
C LYS A 341 -18.45 7.66 -0.59
N ILE A 342 -17.75 8.77 -0.42
CA ILE A 342 -17.22 9.12 0.91
C ILE A 342 -18.35 9.63 1.81
N SER A 343 -18.51 9.00 2.95
CA SER A 343 -19.45 9.47 3.96
C SER A 343 -18.76 10.53 4.82
N HIS A 344 -17.76 10.09 5.58
CA HIS A 344 -16.96 11.00 6.39
C HIS A 344 -15.63 10.28 6.61
N ILE A 345 -14.54 11.04 6.55
CA ILE A 345 -13.22 10.51 6.86
C ILE A 345 -12.79 11.12 8.19
N ILE A 346 -12.42 10.27 9.13
CA ILE A 346 -12.09 10.71 10.48
C ILE A 346 -10.59 10.53 10.74
N PHE A 347 -9.99 11.52 11.37
CA PHE A 347 -8.55 11.50 11.64
C PHE A 347 -8.28 11.19 13.11
N THR A 348 -7.16 10.54 13.37
CA THR A 348 -6.88 10.04 14.73
C THR A 348 -6.34 11.13 15.62
N SER A 349 -6.65 11.00 16.92
CA SER A 349 -6.18 11.92 17.93
C SER A 349 -6.40 11.26 19.30
N ALA A 359 -6.69 20.60 14.73
CA ALA A 359 -5.38 20.52 14.07
C ALA A 359 -5.51 20.69 12.56
N LEU A 360 -5.61 21.94 12.13
CA LEU A 360 -5.67 22.28 10.70
C LEU A 360 -4.39 21.89 9.96
N ASN A 361 -3.24 22.09 10.61
CA ASN A 361 -1.94 21.78 10.02
C ASN A 361 -1.47 20.32 10.16
N ASN A 362 -2.38 19.44 10.59
CA ASN A 362 -2.12 18.00 10.62
C ASN A 362 -1.74 17.52 9.21
N PRO A 363 -0.55 16.92 9.05
CA PRO A 363 -0.06 16.60 7.70
C PRO A 363 -0.97 15.68 6.88
N TYR A 364 -1.60 14.69 7.51
CA TYR A 364 -2.55 13.82 6.81
C TYR A 364 -3.77 14.63 6.34
N VAL A 365 -4.26 15.53 7.20
CA VAL A 365 -5.37 16.44 6.86
C VAL A 365 -4.98 17.30 5.66
N LYS A 366 -3.78 17.87 5.70
CA LYS A 366 -3.27 18.70 4.62
C LYS A 366 -3.21 17.96 3.29
N VAL A 367 -2.71 16.73 3.32
CA VAL A 367 -2.63 15.90 2.12
C VAL A 367 -4.00 15.71 1.47
N MET A 368 -4.97 15.27 2.26
CA MET A 368 -6.32 15.02 1.76
C MET A 368 -7.02 16.29 1.28
N ARG A 369 -6.79 17.40 1.97
CA ARG A 369 -7.31 18.71 1.56
C ARG A 369 -6.70 19.15 0.22
N ARG A 370 -5.38 19.00 0.10
CA ARG A 370 -4.68 19.27 -1.17
C ARG A 370 -5.29 18.50 -2.32
N LEU A 371 -5.66 17.26 -2.06
CA LEU A 371 -6.14 16.32 -3.08
C LEU A 371 -7.65 16.39 -3.35
N GLY A 372 -8.35 17.28 -2.65
CA GLY A 372 -9.80 17.42 -2.79
C GLY A 372 -10.61 16.24 -2.29
N ILE A 373 -10.00 15.38 -1.47
CA ILE A 373 -10.67 14.22 -0.87
C ILE A 373 -11.55 14.68 0.32
N ILE A 374 -11.06 15.67 1.06
CA ILE A 374 -11.86 16.35 2.07
C ILE A 374 -12.06 17.79 1.63
N ASP A 375 -13.16 18.40 2.07
CA ASP A 375 -13.42 19.78 1.70
C ASP A 375 -12.92 20.73 2.80
N GLU A 376 -13.32 22.00 2.72
CA GLU A 376 -12.85 23.05 3.62
C GLU A 376 -13.52 23.04 5.01
N SER A 377 -14.51 22.17 5.21
CA SER A 377 -15.22 22.07 6.49
C SER A 377 -14.30 21.61 7.62
N GLN A 378 -14.75 21.86 8.86
CA GLN A 378 -13.97 21.50 10.05
C GLN A 378 -13.77 19.99 10.11
N VAL A 379 -12.51 19.58 9.99
CA VAL A 379 -12.14 18.17 10.04
C VAL A 379 -12.59 17.52 11.36
N ILE A 380 -12.88 16.23 11.31
CA ILE A 380 -13.34 15.50 12.48
C ILE A 380 -12.26 14.54 12.98
N PHE A 381 -11.80 14.79 14.20
CA PHE A 381 -10.89 13.87 14.89
C PHE A 381 -11.74 12.95 15.76
N TRP A 382 -11.30 11.71 15.98
CA TRP A 382 -12.18 10.75 16.68
C TRP A 382 -12.38 10.98 18.18
N ASP A 383 -11.51 11.77 18.80
CA ASP A 383 -11.66 12.11 20.21
C ASP A 383 -12.56 13.35 20.41
N SER A 384 -13.07 13.90 19.30
CA SER A 384 -14.06 15.00 19.35
C SER A 384 -15.49 14.46 19.44
N LEU A 385 -15.62 13.14 19.43
CA LEU A 385 -16.93 12.48 19.42
C LEU A 385 -17.37 12.00 20.80
N LYS A 386 -18.56 12.39 21.20
CA LYS A 386 -19.18 11.88 22.43
C LYS A 386 -19.15 10.35 22.47
N GLN A 387 -18.82 9.78 23.63
CA GLN A 387 -18.91 8.33 23.82
C GLN A 387 -20.38 7.93 23.88
N LEU A 388 -20.87 7.30 22.82
CA LEU A 388 -22.28 6.92 22.71
C LEU A 388 -22.60 5.68 23.54
C1 GLC B . 6.18 -2.75 13.87
C2 GLC B . 5.05 -3.24 12.95
C3 GLC B . 5.28 -2.72 11.53
C4 GLC B . 5.33 -1.19 11.54
C5 GLC B . 6.34 -0.68 12.59
C6 GLC B . 6.20 0.83 12.78
O1 GLC B . 7.44 -3.25 13.40
O2 GLC B . 5.03 -4.68 12.96
O3 GLC B . 4.23 -3.18 10.67
O4 GLC B . 5.77 -0.69 10.27
O5 GLC B . 6.19 -1.31 13.87
O6 GLC B . 7.38 1.32 13.43
C1 GAL B . 4.73 -0.39 9.33
C2 GAL B . 5.19 0.75 8.45
C3 GAL B . 4.12 1.02 7.39
C4 GAL B . 3.75 -0.24 6.61
C5 GAL B . 3.51 -1.43 7.54
C6 GAL B . 3.45 -2.77 6.79
O2 GAL B . 5.44 1.92 9.23
O3 GAL B . 4.60 1.99 6.45
O4 GAL B . 4.77 -0.48 5.64
O5 GAL B . 4.55 -1.54 8.50
O6 GAL B . 2.91 -3.77 7.66
C5A CSF C . 0.61 3.90 6.51
C4A CSF C . 0.39 3.43 5.06
C2A CSF C . -0.66 1.39 5.70
O6A CSF C . -0.60 1.86 7.06
C6A CSF C . -0.57 3.27 7.27
C3A CSF C . 0.57 1.91 4.99
O4A CSF C . 1.13 4.11 4.03
N5A CSF C . 0.44 5.34 6.50
C7A CSF C . -0.58 3.51 8.78
C8A CSF C . -1.75 2.79 9.47
C9A CSF C . -1.76 3.04 10.96
O9A CSF C . -2.58 4.19 11.24
O8A CSF C . -3.00 3.20 8.90
O7A CSF C . 0.66 3.05 9.34
C1A CSF C . -0.59 -0.12 5.69
OBA CSF C . -0.44 -0.69 4.61
OAA CSF C . -0.67 -0.74 6.76
O1A CSF C . -1.75 1.87 4.89
O2A CSF C . -3.63 3.51 5.12
N1 CSF C . -6.80 -1.59 3.71
C2 CSF C . -8.04 -2.23 3.64
N3 CSF C . -9.01 -1.97 4.55
C4 CSF C . -8.79 -1.08 5.55
C5 CSF C . -7.56 -0.42 5.63
C6 CSF C . -6.57 -0.69 4.70
C3' CSF C . -5.14 0.14 1.64
C2' CSF C . -5.98 -1.12 1.44
C1' CSF C . -5.75 -1.90 2.72
O4' CSF C . -4.45 -1.49 3.18
C4' CSF C . -3.93 -0.46 2.32
PA CSF C . -3.30 2.04 5.28
O5' CSF C . -3.99 1.25 4.05
C5' CSF C . -3.14 0.55 3.15
O3' CSF C . -4.81 0.81 0.42
O2' CSF C . -5.47 -1.89 0.35
N4 CSF C . -9.76 -0.80 6.46
O2 CSF C . -8.23 -3.06 2.72
O3A CSF C . -3.42 1.26 6.55
C10 CSF C . 1.03 6.20 7.34
O10 CSF C . 1.81 5.88 8.23
C11 CSF C . 0.65 7.64 7.11
F3A CSF C . 1.70 1.41 5.61
#